data_4R3R
#
_entry.id   4R3R
#
_cell.length_a   144.689
_cell.length_b   144.689
_cell.length_c   144.689
_cell.angle_alpha   90.00
_cell.angle_beta   90.00
_cell.angle_gamma   90.00
#
_symmetry.space_group_name_H-M   'I 2 3'
#
loop_
_entity.id
_entity.type
_entity.pdbx_description
1 polymer 'Epidermal growth factor receptor'
2 polymer "peptide from ERBB receptor feedback inhibitor 1'"
3 water water
#
loop_
_entity_poly.entity_id
_entity_poly.type
_entity_poly.pdbx_seq_one_letter_code
_entity_poly.pdbx_strand_id
1 'polypeptide(L)'
;GEAPNQALLRILKETEFKKIKVLGSGAFGTVYKGLWIPEGEKVKIPVAIKELREATSPKANKEILDEAYVMASVDNPHVC
RLLGICLTSTVQLITQLMPFGCLLDYVREHKDNIGSQYLLNWCVQIAKGMNYLEDRRLVHRDLAARNVLVKTPQHVKITD
FGRAKLLGAEEKEYHAEGGKVPIKWMALESILHRIYTHQSDVWSYGVTVWELMTFGSKPYDGIPASEISSILEKGERLPQ
PPICTIDVYMIMVKCWMIDADSRPKFRELIIEFSKMARDPQRYLVIQGDERMHLPSPTDSNFYRALMDEEDMDDVVDADE
YLI
;
A
2 'polypeptide(L)' TH(PTR)(PTR)LLP B
#
# COMPACT_ATOMS: atom_id res chain seq x y z
N GLY A 1 -12.59 -8.66 23.35
CA GLY A 1 -11.21 -9.09 23.53
C GLY A 1 -10.22 -7.95 23.41
N GLU A 2 -10.67 -6.82 22.89
CA GLU A 2 -9.76 -5.80 22.36
C GLU A 2 -9.37 -4.69 23.34
N ALA A 3 -8.18 -4.14 23.11
CA ALA A 3 -7.65 -3.04 23.90
C ALA A 3 -8.18 -1.70 23.38
N PRO A 4 -8.29 -0.70 24.28
CA PRO A 4 -8.74 0.64 23.91
C PRO A 4 -7.82 1.32 22.90
N ASN A 5 -8.41 1.92 21.88
CA ASN A 5 -7.65 2.65 20.87
C ASN A 5 -7.46 4.10 21.28
N GLN A 6 -6.39 4.37 22.02
CA GLN A 6 -6.14 5.72 22.54
C GLN A 6 -5.37 6.58 21.56
N ALA A 7 -5.44 6.24 20.28
CA ALA A 7 -4.78 7.03 19.24
C ALA A 7 -5.37 8.43 19.19
N LEU A 8 -4.55 9.42 18.85
CA LEU A 8 -5.00 10.80 18.82
C LEU A 8 -5.27 11.27 17.39
N LEU A 9 -6.44 11.85 17.19
CA LEU A 9 -6.79 12.46 15.92
C LEU A 9 -6.61 13.97 16.02
N ARG A 10 -5.70 14.51 15.23
CA ARG A 10 -5.35 15.92 15.32
C ARG A 10 -6.16 16.75 14.33
N ILE A 11 -6.84 17.77 14.85
CA ILE A 11 -7.60 18.68 14.01
C ILE A 11 -6.78 19.92 13.69
N LEU A 12 -6.60 20.20 12.40
CA LEU A 12 -5.71 21.27 11.96
C LEU A 12 -6.48 22.50 11.47
N LYS A 13 -5.86 23.67 11.64
CA LYS A 13 -6.41 24.90 11.12
C LYS A 13 -6.01 25.07 9.66
N GLU A 14 -6.88 25.71 8.87
CA GLU A 14 -6.59 25.95 7.45
C GLU A 14 -5.42 26.92 7.31
N THR A 15 -5.26 27.78 8.31
CA THR A 15 -4.18 28.76 8.31
C THR A 15 -2.88 28.14 8.81
N GLU A 16 -2.89 26.84 9.06
CA GLU A 16 -1.71 26.14 9.55
C GLU A 16 -0.86 25.55 8.44
N PHE A 17 -1.39 25.47 7.22
CA PHE A 17 -0.60 24.93 6.14
C PHE A 17 -0.72 25.67 4.82
N LYS A 18 0.39 25.63 4.08
CA LYS A 18 0.62 26.34 2.84
C LYS A 18 0.49 25.40 1.67
N LYS A 19 -0.25 25.80 0.63
CA LYS A 19 -0.39 24.96 -0.55
C LYS A 19 0.46 25.44 -1.71
N ILE A 20 1.46 24.65 -2.05
CA ILE A 20 2.43 25.00 -3.08
C ILE A 20 1.90 24.70 -4.48
N LYS A 21 1.39 23.47 -4.64
CA LYS A 21 1.21 22.90 -5.97
C LYS A 21 0.04 21.92 -5.98
N VAL A 22 -0.48 21.59 -7.17
CA VAL A 22 -1.51 20.58 -7.32
C VAL A 22 -0.94 19.32 -7.96
N LEU A 23 -0.92 18.22 -7.20
CA LEU A 23 -0.39 16.95 -7.71
C LEU A 23 -1.32 16.33 -8.75
N GLY A 24 -2.60 16.26 -8.40
CA GLY A 24 -3.60 15.71 -9.29
C GLY A 24 -4.99 16.22 -8.94
N SER A 25 -5.90 16.14 -9.90
CA SER A 25 -7.28 16.57 -9.70
C SER A 25 -8.26 15.55 -10.26
N GLY A 26 -9.42 15.48 -9.64
CA GLY A 26 -10.47 14.57 -10.09
C GLY A 26 -11.83 14.98 -9.57
N ALA A 27 -12.85 14.19 -9.88
CA ALA A 27 -14.19 14.44 -9.37
C ALA A 27 -14.19 14.23 -7.86
N PHE A 28 -13.26 13.41 -7.40
CA PHE A 28 -13.03 13.17 -5.97
C PHE A 28 -12.30 14.34 -5.33
N GLY A 29 -12.11 15.43 -6.08
CA GLY A 29 -11.39 16.58 -5.56
C GLY A 29 -9.93 16.60 -5.98
N THR A 30 -9.17 17.51 -5.38
CA THR A 30 -7.81 17.79 -5.83
C THR A 30 -6.79 17.61 -4.72
N VAL A 31 -5.72 16.87 -5.02
CA VAL A 31 -4.63 16.67 -4.06
C VAL A 31 -3.60 17.79 -4.18
N TYR A 32 -3.27 18.41 -3.05
CA TYR A 32 -2.32 19.52 -3.05
C TYR A 32 -0.98 19.14 -2.43
N LYS A 33 0.09 19.60 -3.06
CA LYS A 33 1.41 19.56 -2.46
C LYS A 33 1.57 20.80 -1.60
N GLY A 34 2.01 20.62 -0.35
CA GLY A 34 2.14 21.75 0.54
C GLY A 34 3.03 21.53 1.74
N LEU A 35 3.12 22.57 2.58
CA LEU A 35 3.88 22.51 3.81
C LEU A 35 2.95 22.71 5.00
N TRP A 36 3.10 21.88 6.02
CA TRP A 36 2.34 22.08 7.25
C TRP A 36 3.19 22.80 8.28
N ILE A 37 2.74 23.98 8.70
CA ILE A 37 3.45 24.75 9.70
C ILE A 37 2.63 24.87 10.97
N PRO A 38 2.90 23.97 11.94
CA PRO A 38 2.27 24.06 13.26
C PRO A 38 2.48 25.43 13.88
N GLU A 39 1.41 26.07 14.34
CA GLU A 39 1.46 27.44 14.83
C GLU A 39 2.52 27.64 15.92
N GLY A 40 3.59 28.32 15.56
CA GLY A 40 4.64 28.66 16.50
C GLY A 40 5.48 27.48 16.97
N GLU A 41 5.85 26.60 16.03
CA GLU A 41 6.72 25.48 16.37
C GLU A 41 7.98 25.47 15.52
N LYS A 42 8.10 26.46 14.63
CA LYS A 42 9.31 26.67 13.83
C LYS A 42 9.65 25.44 12.98
N VAL A 43 8.63 24.74 12.50
CA VAL A 43 8.84 23.57 11.67
C VAL A 43 7.95 23.57 10.43
N LYS A 44 8.52 23.16 9.30
CA LYS A 44 7.77 23.04 8.05
C LYS A 44 7.76 21.60 7.58
N ILE A 45 6.57 21.01 7.52
CA ILE A 45 6.45 19.60 7.16
C ILE A 45 5.81 19.43 5.79
N PRO A 46 6.57 18.86 4.84
CA PRO A 46 6.06 18.56 3.50
C PRO A 46 4.86 17.61 3.55
N VAL A 47 3.72 18.06 3.07
CA VAL A 47 2.49 17.28 3.18
C VAL A 47 1.78 17.07 1.85
N ALA A 48 0.90 16.09 1.83
CA ALA A 48 -0.05 15.90 0.74
C ALA A 48 -1.46 16.16 1.26
N ILE A 49 -2.11 17.17 0.69
CA ILE A 49 -3.41 17.63 1.15
C ILE A 49 -4.47 17.17 0.11
N LYS A 50 -5.26 16.15 0.44
CA LYS A 50 -6.30 15.60 -0.46
C LYS A 50 -7.74 15.94 -0.10
N GLU A 51 -8.30 17.01 -0.68
CA GLU A 51 -9.61 17.47 -0.23
C GLU A 51 -10.59 17.92 -1.26
N LEU A 52 -11.81 17.43 -1.07
CA LEU A 52 -12.70 17.16 -2.17
C LEU A 52 -13.63 18.32 -2.49
N ARG A 53 -13.91 18.48 -3.78
CA ARG A 53 -14.92 19.38 -4.32
C ARG A 53 -16.05 19.73 -3.35
N ALA A 55 -18.89 19.04 -4.49
CA ALA A 55 -20.08 18.18 -4.58
C ALA A 55 -19.95 16.98 -3.64
N THR A 56 -20.10 17.23 -2.35
CA THR A 56 -20.01 16.17 -1.36
C THR A 56 -21.36 15.51 -1.11
N SER A 57 -21.40 14.19 -1.20
CA SER A 57 -22.54 13.45 -0.68
C SER A 57 -22.19 13.03 0.73
N PRO A 58 -23.18 13.03 1.63
CA PRO A 58 -22.93 12.62 3.01
C PRO A 58 -22.37 11.21 3.12
N LYS A 59 -22.61 10.39 2.09
CA LYS A 59 -22.02 9.07 2.01
C LYS A 59 -20.52 9.16 1.73
N ALA A 60 -20.15 10.08 0.85
CA ALA A 60 -18.74 10.29 0.51
C ALA A 60 -17.96 10.75 1.74
N ASN A 61 -18.41 11.84 2.34
CA ASN A 61 -17.86 12.34 3.59
C ASN A 61 -17.74 11.28 4.66
N LYS A 62 -18.86 10.64 4.96
CA LYS A 62 -18.96 9.73 6.11
C LYS A 62 -17.74 8.85 6.29
N GLU A 63 -17.29 8.14 5.27
CA GLU A 63 -16.04 7.39 5.46
C GLU A 63 -14.91 7.48 4.39
N ILE A 64 -14.69 8.74 3.99
CA ILE A 64 -13.36 9.25 3.71
C ILE A 64 -12.79 9.35 5.12
N LEU A 65 -13.71 9.48 6.06
CA LEU A 65 -13.38 9.65 7.46
C LEU A 65 -12.79 8.44 8.22
N ASP A 66 -13.13 7.17 7.90
CA ASP A 66 -12.51 6.06 8.67
C ASP A 66 -11.19 5.73 8.05
N GLU A 67 -11.02 6.14 6.81
CA GLU A 67 -9.71 5.95 6.24
C GLU A 67 -8.83 6.76 7.16
N ALA A 68 -9.30 7.96 7.47
CA ALA A 68 -8.66 8.81 8.45
C ALA A 68 -8.64 8.16 9.84
N TYR A 69 -9.73 7.51 10.23
CA TYR A 69 -9.77 6.79 11.50
C TYR A 69 -8.70 5.70 11.53
N VAL A 70 -8.62 4.93 10.45
CA VAL A 70 -7.66 3.85 10.35
C VAL A 70 -6.22 4.36 10.35
N MET A 71 -5.95 5.34 9.48
CA MET A 71 -4.59 5.86 9.32
C MET A 71 -4.09 6.54 10.58
N ALA A 72 -5.00 7.08 11.38
CA ALA A 72 -4.61 7.73 12.62
C ALA A 72 -4.28 6.71 13.70
N SER A 73 -4.77 5.49 13.52
CA SER A 73 -4.59 4.44 14.51
C SER A 73 -3.31 3.63 14.30
N VAL A 74 -2.75 3.71 13.09
CA VAL A 74 -1.56 2.95 12.76
C VAL A 74 -0.28 3.76 12.95
N ASP A 75 0.77 3.09 13.40
CA ASP A 75 2.06 3.75 13.64
C ASP A 75 3.21 2.80 13.31
N ASN A 76 3.73 2.90 12.09
CA ASN A 76 4.80 2.03 11.64
C ASN A 76 5.63 2.70 10.56
N PRO A 77 6.96 2.50 10.59
CA PRO A 77 7.89 3.07 9.60
C PRO A 77 7.53 2.73 8.16
N HIS A 78 6.71 1.72 7.95
CA HIS A 78 6.36 1.29 6.61
C HIS A 78 4.86 1.39 6.36
N VAL A 79 4.22 2.30 7.08
CA VAL A 79 2.79 2.59 6.90
C VAL A 79 2.57 4.10 6.89
N CYS A 80 1.83 4.60 5.92
CA CYS A 80 1.49 6.01 5.85
C CYS A 80 0.66 6.43 7.06
N ARG A 81 1.19 7.35 7.85
CA ARG A 81 0.44 7.87 8.99
C ARG A 81 -0.25 9.17 8.65
N LEU A 82 -1.53 9.27 9.02
CA LEU A 82 -2.26 10.51 8.87
C LEU A 82 -1.72 11.55 9.84
N LEU A 83 -1.42 12.74 9.32
CA LEU A 83 -0.89 13.81 10.14
C LEU A 83 -2.02 14.53 10.88
N GLY A 84 -3.16 14.65 10.21
CA GLY A 84 -4.30 15.29 10.81
C GLY A 84 -5.38 15.58 9.79
N ILE A 85 -6.49 16.12 10.27
CA ILE A 85 -7.57 16.50 9.36
C ILE A 85 -7.98 17.95 9.60
N CYS A 86 -8.59 18.58 8.60
CA CYS A 86 -9.07 19.95 8.74
C CYS A 86 -10.53 20.07 8.30
N LEU A 87 -11.39 20.41 9.25
CA LEU A 87 -12.83 20.45 9.02
C LEU A 87 -13.28 21.77 8.39
N THR A 88 -12.93 21.96 7.13
CA THR A 88 -13.38 23.13 6.40
C THR A 88 -14.74 22.86 5.78
N SER A 89 -15.20 23.77 4.92
CA SER A 89 -16.43 23.59 4.17
C SER A 89 -16.33 22.28 3.38
N THR A 90 -15.15 22.02 2.87
CA THR A 90 -14.82 20.72 2.31
C THR A 90 -13.75 20.06 3.21
N VAL A 91 -14.10 18.94 3.88
CA VAL A 91 -13.25 18.29 4.92
C VAL A 91 -11.77 18.10 4.51
N GLN A 92 -10.79 18.50 5.33
CA GLN A 92 -9.42 18.32 4.87
C GLN A 92 -8.68 17.16 5.54
N LEU A 93 -8.07 16.32 4.71
CA LEU A 93 -7.23 15.17 5.11
C LEU A 93 -5.76 15.40 4.75
N ILE A 94 -4.90 15.47 5.76
CA ILE A 94 -3.49 15.75 5.57
C ILE A 94 -2.58 14.56 5.90
N THR A 95 -1.83 14.09 4.90
CA THR A 95 -0.93 12.96 5.10
C THR A 95 0.51 13.34 4.78
N GLN A 96 1.45 12.44 5.10
CA GLN A 96 2.86 12.68 4.81
C GLN A 96 3.13 12.66 3.31
N LEU A 97 3.92 13.61 2.84
CA LEU A 97 4.26 13.70 1.42
C LEU A 97 5.19 12.59 1.00
N MET A 98 4.80 11.85 -0.04
CA MET A 98 5.63 10.80 -0.62
C MET A 98 6.02 11.21 -2.03
N PRO A 99 7.12 12.00 -2.14
CA PRO A 99 7.55 12.72 -3.35
C PRO A 99 7.60 11.86 -4.61
N PHE A 100 8.23 10.71 -4.53
CA PHE A 100 8.41 9.86 -5.70
C PHE A 100 7.12 9.16 -6.09
N GLY A 101 6.08 9.33 -5.28
CA GLY A 101 4.75 8.86 -5.61
C GLY A 101 4.56 7.35 -5.58
N CYS A 102 3.72 6.86 -6.48
CA CYS A 102 3.31 5.46 -6.52
C CYS A 102 4.46 4.53 -6.91
N LEU A 103 4.52 3.37 -6.28
CA LEU A 103 5.60 2.42 -6.54
C LEU A 103 5.42 1.75 -7.90
N LEU A 104 4.16 1.52 -8.29
CA LEU A 104 3.87 0.92 -9.59
C LEU A 104 4.37 1.80 -10.72
N ASP A 105 4.15 3.11 -10.58
CA ASP A 105 4.58 4.05 -11.60
C ASP A 105 6.09 4.24 -11.60
N TYR A 106 6.70 4.08 -10.43
CA TYR A 106 8.14 4.26 -10.29
C TYR A 106 8.93 3.16 -10.98
N VAL A 107 8.45 1.92 -10.85
CA VAL A 107 9.15 0.80 -11.46
C VAL A 107 8.94 0.76 -12.97
N ARG A 108 7.86 1.39 -13.43
CA ARG A 108 7.60 1.51 -14.85
C ARG A 108 8.47 2.61 -15.43
N GLU A 109 8.65 3.67 -14.65
CA GLU A 109 9.43 4.82 -15.07
C GLU A 109 10.92 4.55 -14.98
N HIS A 110 11.34 3.83 -13.94
CA HIS A 110 12.76 3.58 -13.70
C HIS A 110 13.16 2.12 -13.88
N LYS A 111 12.48 1.40 -14.79
CA LYS A 111 12.77 -0.02 -14.99
C LYS A 111 14.17 -0.26 -15.53
N ASP A 112 14.84 0.80 -15.96
CA ASP A 112 16.18 0.70 -16.52
C ASP A 112 17.25 0.82 -15.44
N ASN A 113 16.90 1.43 -14.32
CA ASN A 113 17.87 1.69 -13.26
C ASN A 113 17.42 1.15 -11.91
N ILE A 114 16.74 0.01 -11.92
CA ILE A 114 16.35 -0.65 -10.67
C ILE A 114 17.09 -1.98 -10.52
N GLY A 115 17.88 -2.08 -9.46
CA GLY A 115 18.66 -3.26 -9.21
C GLY A 115 17.93 -4.29 -8.37
N SER A 116 18.57 -5.44 -8.17
CA SER A 116 17.97 -6.51 -7.37
C SER A 116 17.91 -6.15 -5.90
N GLN A 117 18.82 -5.29 -5.47
CA GLN A 117 18.89 -4.88 -4.08
C GLN A 117 17.63 -4.12 -3.65
N TYR A 118 17.19 -3.21 -4.50
CA TYR A 118 16.01 -2.41 -4.19
C TYR A 118 14.74 -3.25 -4.20
N LEU A 119 14.57 -4.06 -5.24
CA LEU A 119 13.39 -4.90 -5.37
C LEU A 119 13.21 -5.81 -4.16
N LEU A 120 14.29 -6.42 -3.71
CA LEU A 120 14.23 -7.29 -2.55
C LEU A 120 13.98 -6.49 -1.28
N ASN A 121 14.49 -5.27 -1.23
CA ASN A 121 14.26 -4.40 -0.09
C ASN A 121 12.80 -4.00 0.01
N TRP A 122 12.21 -3.63 -1.14
CA TRP A 122 10.82 -3.24 -1.19
C TRP A 122 9.90 -4.37 -0.74
N CYS A 123 10.27 -5.59 -1.10
CA CYS A 123 9.50 -6.77 -0.71
C CYS A 123 9.52 -6.97 0.80
N VAL A 124 10.68 -6.71 1.41
CA VAL A 124 10.82 -6.85 2.86
C VAL A 124 10.00 -5.80 3.59
N GLN A 125 10.08 -4.56 3.12
CA GLN A 125 9.43 -3.44 3.79
C GLN A 125 7.91 -3.56 3.74
N ILE A 126 7.39 -3.98 2.59
CA ILE A 126 5.96 -4.23 2.46
C ILE A 126 5.54 -5.37 3.39
N ALA A 127 6.38 -6.40 3.47
CA ALA A 127 6.13 -7.53 4.35
C ALA A 127 6.12 -7.10 5.81
N LYS A 128 7.01 -6.16 6.15
CA LYS A 128 7.06 -5.63 7.51
C LYS A 128 5.81 -4.81 7.82
N GLY A 129 5.42 -3.95 6.88
CA GLY A 129 4.25 -3.12 7.04
C GLY A 129 2.99 -3.95 7.22
N MET A 130 2.84 -4.97 6.38
CA MET A 130 1.69 -5.86 6.46
C MET A 130 1.69 -6.65 7.77
N ASN A 131 2.88 -6.98 8.25
CA ASN A 131 3.00 -7.72 9.50
C ASN A 131 2.56 -6.86 10.68
N TYR A 132 2.83 -5.56 10.59
CA TYR A 132 2.36 -4.62 11.60
C TYR A 132 0.84 -4.53 11.55
N LEU A 133 0.29 -4.54 10.34
CA LEU A 133 -1.15 -4.49 10.17
C LEU A 133 -1.82 -5.73 10.75
N GLU A 134 -1.15 -6.88 10.62
CA GLU A 134 -1.69 -8.12 11.15
C GLU A 134 -1.69 -8.09 12.67
N ASP A 135 -0.63 -7.53 13.26
CA ASP A 135 -0.54 -7.38 14.70
C ASP A 135 -1.68 -6.50 15.23
N ARG A 136 -2.06 -5.51 14.45
CA ARG A 136 -3.14 -4.60 14.81
C ARG A 136 -4.51 -5.20 14.47
N ARG A 137 -4.52 -6.50 14.21
CA ARG A 137 -5.74 -7.24 13.87
C ARG A 137 -6.45 -6.59 12.68
N LEU A 138 -5.68 -6.19 11.69
CA LEU A 138 -6.22 -5.43 10.56
C LEU A 138 -6.03 -6.16 9.23
N VAL A 139 -7.03 -6.07 8.37
CA VAL A 139 -6.99 -6.68 7.05
C VAL A 139 -7.17 -5.62 5.97
N HIS A 140 -6.18 -5.48 5.09
CA HIS A 140 -6.12 -4.39 4.14
C HIS A 140 -7.14 -4.49 2.99
N ARG A 141 -7.30 -5.71 2.48
CA ARG A 141 -8.30 -6.01 1.44
C ARG A 141 -8.10 -5.30 0.10
N ASP A 142 -6.98 -4.60 -0.05
CA ASP A 142 -6.70 -3.92 -1.32
C ASP A 142 -5.20 -3.72 -1.52
N LEU A 143 -4.39 -4.72 -1.14
CA LEU A 143 -2.95 -4.62 -1.29
C LEU A 143 -2.54 -4.79 -2.74
N ALA A 144 -1.92 -3.76 -3.30
CA ALA A 144 -1.42 -3.80 -4.68
C ALA A 144 -0.25 -2.85 -4.83
N ALA A 145 0.50 -3.01 -5.92
CA ALA A 145 1.65 -2.17 -6.18
C ALA A 145 1.25 -0.71 -6.35
N ARG A 146 0.00 -0.49 -6.75
CA ARG A 146 -0.53 0.85 -6.93
C ARG A 146 -0.74 1.54 -5.59
N ASN A 147 -0.83 0.75 -4.53
CA ASN A 147 -1.10 1.27 -3.20
C ASN A 147 0.09 1.15 -2.25
N VAL A 148 1.29 1.18 -2.83
CA VAL A 148 2.51 1.29 -2.04
C VAL A 148 3.21 2.57 -2.48
N LEU A 149 3.44 3.49 -1.55
CA LEU A 149 3.98 4.80 -1.90
C LEU A 149 5.46 4.89 -1.63
N VAL A 150 6.14 5.71 -2.41
CA VAL A 150 7.59 5.84 -2.33
C VAL A 150 8.02 7.15 -1.68
N LYS A 151 8.42 7.06 -0.41
CA LYS A 151 8.97 8.22 0.29
C LYS A 151 10.33 8.56 -0.29
N THR A 152 11.26 7.60 -0.17
CA THR A 152 12.54 7.64 -0.87
C THR A 152 12.65 6.31 -1.62
N PRO A 153 13.56 6.22 -2.60
CA PRO A 153 13.74 4.94 -3.29
C PRO A 153 14.07 3.79 -2.35
N GLN A 154 14.52 4.11 -1.14
CA GLN A 154 14.87 3.09 -0.15
C GLN A 154 13.81 2.95 0.93
N HIS A 155 12.75 3.76 0.86
CA HIS A 155 11.72 3.73 1.88
C HIS A 155 10.32 3.82 1.30
N VAL A 156 9.55 2.73 1.46
CA VAL A 156 8.17 2.69 0.98
C VAL A 156 7.19 2.44 2.13
N LYS A 157 5.94 2.87 1.94
CA LYS A 157 4.91 2.70 2.95
C LYS A 157 3.60 2.22 2.33
N ILE A 158 2.83 1.44 3.10
CA ILE A 158 1.54 0.94 2.64
C ILE A 158 0.46 2.00 2.83
N THR A 159 -0.44 2.09 1.86
CA THR A 159 -1.51 3.10 1.93
C THR A 159 -2.85 2.55 1.42
N ASP A 160 -3.79 3.46 1.21
CA ASP A 160 -5.14 3.13 0.71
C ASP A 160 -5.86 2.16 1.65
N PHE A 161 -6.33 2.68 2.77
CA PHE A 161 -7.01 1.87 3.78
C PHE A 161 -8.52 2.00 3.68
N GLY A 162 -9.01 2.39 2.51
CA GLY A 162 -10.42 2.58 2.28
C GLY A 162 -11.24 1.31 2.42
N ARG A 163 -10.61 0.17 2.17
CA ARG A 163 -11.32 -1.11 2.25
C ARG A 163 -10.89 -1.92 3.47
N ALA A 164 -9.98 -1.35 4.26
CA ALA A 164 -9.44 -2.04 5.44
C ALA A 164 -10.51 -2.28 6.50
N LYS A 165 -10.41 -3.41 7.20
CA LYS A 165 -11.37 -3.76 8.24
C LYS A 165 -10.67 -4.33 9.48
N LEU A 166 -11.18 -3.99 10.66
CA LEU A 166 -10.65 -4.52 11.91
C LEU A 166 -11.32 -5.86 12.23
N LEU A 167 -10.58 -6.75 12.88
CA LEU A 167 -11.12 -8.05 13.24
C LEU A 167 -11.34 -8.18 14.75
N GLY A 168 -12.48 -8.71 15.14
CA GLY A 168 -12.76 -8.98 16.54
C GLY A 168 -11.91 -10.12 17.05
N ALA A 169 -11.82 -10.26 18.36
CA ALA A 169 -10.97 -11.28 18.98
C ALA A 169 -11.40 -12.69 18.59
N GLU A 170 -12.72 -12.92 18.54
CA GLU A 170 -13.25 -14.21 18.15
C GLU A 170 -13.14 -14.39 16.64
N GLU A 171 -13.37 -13.29 15.92
CA GLU A 171 -13.30 -13.26 14.46
C GLU A 171 -11.99 -13.85 13.92
N LYS A 172 -12.10 -14.59 12.83
CA LYS A 172 -10.93 -15.08 12.11
C LYS A 172 -11.07 -14.69 10.64
N GLU A 173 -12.31 -14.64 10.18
CA GLU A 173 -12.62 -14.25 8.81
C GLU A 173 -13.59 -13.09 8.79
N TYR A 174 -13.44 -12.21 7.81
CA TYR A 174 -14.38 -11.11 7.61
C TYR A 174 -15.27 -11.39 6.41
N HIS A 175 -16.58 -11.38 6.64
CA HIS A 175 -17.55 -11.61 5.57
C HIS A 175 -18.11 -10.29 5.06
N ALA A 176 -17.82 -9.97 3.81
CA ALA A 176 -18.13 -8.66 3.24
C ALA A 176 -19.48 -8.62 2.53
N GLU A 177 -19.75 -7.47 1.91
CA GLU A 177 -20.96 -7.29 1.10
C GLU A 177 -20.58 -6.84 -0.31
N GLY A 178 -21.52 -6.99 -1.24
CA GLY A 178 -21.25 -6.77 -2.66
C GLY A 178 -20.80 -5.38 -3.06
N GLY A 179 -19.92 -5.33 -4.05
CA GLY A 179 -19.40 -4.09 -4.59
C GLY A 179 -18.35 -4.36 -5.64
N LYS A 180 -17.87 -3.31 -6.30
CA LYS A 180 -16.82 -3.45 -7.29
C LYS A 180 -15.48 -3.71 -6.60
N VAL A 181 -14.81 -4.78 -7.01
CA VAL A 181 -13.59 -5.23 -6.33
C VAL A 181 -12.46 -5.51 -7.32
N PRO A 182 -11.20 -5.33 -6.87
CA PRO A 182 -10.03 -5.60 -7.70
C PRO A 182 -9.79 -7.10 -7.87
N ILE A 183 -10.55 -7.74 -8.75
CA ILE A 183 -10.54 -9.19 -8.93
C ILE A 183 -9.16 -9.81 -9.04
N LYS A 184 -8.32 -9.26 -9.89
CA LYS A 184 -7.05 -9.89 -10.25
C LYS A 184 -5.97 -9.79 -9.16
N TRP A 185 -6.34 -9.27 -7.99
CA TRP A 185 -5.42 -9.23 -6.85
C TRP A 185 -5.95 -10.05 -5.69
N MET A 186 -7.20 -10.51 -5.83
CA MET A 186 -7.90 -11.17 -4.74
C MET A 186 -7.64 -12.66 -4.65
N ALA A 187 -7.67 -13.18 -3.44
CA ALA A 187 -7.59 -14.62 -3.22
C ALA A 187 -8.83 -15.31 -3.77
N LEU A 188 -8.78 -16.62 -3.90
CA LEU A 188 -9.90 -17.37 -4.47
C LEU A 188 -11.13 -17.31 -3.58
N GLU A 189 -10.92 -17.47 -2.28
CA GLU A 189 -12.03 -17.43 -1.33
C GLU A 189 -12.63 -16.04 -1.25
N SER A 190 -11.83 -15.03 -1.59
CA SER A 190 -12.30 -13.66 -1.60
C SER A 190 -13.20 -13.41 -2.81
N ILE A 191 -12.86 -14.02 -3.94
CA ILE A 191 -13.64 -13.86 -5.15
C ILE A 191 -14.93 -14.67 -5.09
N LEU A 192 -14.83 -15.89 -4.56
CA LEU A 192 -15.97 -16.80 -4.53
C LEU A 192 -16.95 -16.50 -3.40
N HIS A 193 -16.44 -16.40 -2.17
CA HIS A 193 -17.31 -16.34 -1.00
C HIS A 193 -17.25 -15.01 -0.26
N ARG A 194 -16.59 -14.03 -0.87
CA ARG A 194 -16.43 -12.70 -0.27
C ARG A 194 -15.79 -12.78 1.12
N ILE A 195 -14.95 -13.80 1.30
CA ILE A 195 -14.28 -14.02 2.58
C ILE A 195 -12.87 -13.44 2.56
N TYR A 196 -12.54 -12.67 3.59
CA TYR A 196 -11.22 -12.03 3.68
C TYR A 196 -10.50 -12.41 4.96
N THR A 197 -9.18 -12.38 4.91
CA THR A 197 -8.35 -12.71 6.06
C THR A 197 -6.93 -12.19 5.85
N HIS A 198 -6.09 -12.34 6.86
CA HIS A 198 -4.69 -11.95 6.75
C HIS A 198 -4.01 -12.74 5.65
N GLN A 199 -4.45 -13.99 5.48
CA GLN A 199 -3.89 -14.86 4.45
C GLN A 199 -4.38 -14.45 3.05
N SER A 200 -5.54 -13.81 2.99
CA SER A 200 -6.05 -13.32 1.72
C SER A 200 -5.22 -12.11 1.26
N ASP A 201 -4.57 -11.47 2.22
CA ASP A 201 -3.65 -10.37 1.92
C ASP A 201 -2.31 -10.93 1.45
N VAL A 202 -1.96 -12.11 1.95
CA VAL A 202 -0.75 -12.79 1.52
C VAL A 202 -0.84 -13.11 0.03
N TRP A 203 -2.01 -13.55 -0.40
CA TRP A 203 -2.27 -13.76 -1.82
C TRP A 203 -2.03 -12.46 -2.56
N SER A 204 -2.71 -11.41 -2.11
CA SER A 204 -2.59 -10.09 -2.72
C SER A 204 -1.14 -9.59 -2.65
N TYR A 205 -0.45 -9.96 -1.58
CA TYR A 205 0.95 -9.61 -1.44
C TYR A 205 1.81 -10.31 -2.49
N GLY A 206 1.43 -11.53 -2.84
CA GLY A 206 2.13 -12.29 -3.86
C GLY A 206 2.05 -11.60 -5.21
N VAL A 207 0.85 -11.16 -5.57
CA VAL A 207 0.64 -10.48 -6.85
C VAL A 207 1.43 -9.19 -6.92
N THR A 208 1.47 -8.47 -5.80
CA THR A 208 2.20 -7.20 -5.72
C THR A 208 3.67 -7.40 -6.06
N VAL A 209 4.26 -8.45 -5.51
CA VAL A 209 5.66 -8.79 -5.79
C VAL A 209 5.85 -9.10 -7.27
N TRP A 210 4.95 -9.90 -7.82
CA TRP A 210 4.99 -10.27 -9.23
C TRP A 210 4.95 -9.05 -10.13
N GLU A 211 4.21 -8.03 -9.70
CA GLU A 211 4.14 -6.77 -10.43
C GLU A 211 5.52 -6.12 -10.46
N LEU A 212 6.17 -6.08 -9.31
CA LEU A 212 7.47 -5.45 -9.16
C LEU A 212 8.54 -6.17 -9.97
N MET A 213 8.52 -7.50 -9.90
CA MET A 213 9.51 -8.31 -10.59
C MET A 213 9.37 -8.22 -12.10
N THR A 214 8.17 -7.86 -12.56
CA THR A 214 7.94 -7.66 -13.99
C THR A 214 7.92 -6.18 -14.32
N PHE A 215 8.37 -5.37 -13.37
CA PHE A 215 8.52 -3.93 -13.55
C PHE A 215 7.22 -3.24 -13.93
N GLY A 216 6.11 -3.76 -13.43
CA GLY A 216 4.82 -3.10 -13.61
C GLY A 216 3.91 -3.72 -14.65
N SER A 217 4.08 -5.01 -14.93
CA SER A 217 3.20 -5.69 -15.85
C SER A 217 1.81 -5.85 -15.25
N LYS A 218 0.80 -6.00 -16.09
CA LYS A 218 -0.56 -6.20 -15.62
C LYS A 218 -0.82 -7.68 -15.35
N PRO A 219 -1.20 -8.01 -14.12
CA PRO A 219 -1.46 -9.40 -13.75
C PRO A 219 -2.62 -9.99 -14.55
N TYR A 220 -2.39 -11.15 -15.16
CA TYR A 220 -3.38 -11.80 -16.01
C TYR A 220 -3.84 -10.83 -17.10
N ASP A 221 -2.87 -10.15 -17.72
CA ASP A 221 -3.20 -9.16 -18.73
C ASP A 221 -3.77 -9.81 -19.98
N GLY A 222 -4.82 -9.20 -20.53
CA GLY A 222 -5.42 -9.67 -21.76
C GLY A 222 -6.44 -10.78 -21.53
N ILE A 223 -6.63 -11.18 -20.29
CA ILE A 223 -7.64 -12.19 -19.98
C ILE A 223 -8.75 -11.55 -19.14
N PRO A 224 -10.01 -11.82 -19.50
CA PRO A 224 -11.16 -11.25 -18.81
C PRO A 224 -11.29 -11.72 -17.37
N ALA A 225 -11.65 -10.80 -16.48
CA ALA A 225 -11.75 -11.11 -15.06
C ALA A 225 -12.99 -11.93 -14.74
N SER A 226 -13.89 -12.05 -15.72
CA SER A 226 -15.17 -12.72 -15.54
C SER A 226 -15.03 -14.14 -14.97
N GLU A 227 -13.91 -14.79 -15.26
CA GLU A 227 -13.57 -16.01 -14.55
C GLU A 227 -12.05 -16.20 -14.39
N ILE A 228 -11.45 -15.29 -13.64
CA ILE A 228 -10.11 -15.51 -13.13
C ILE A 228 -10.18 -16.66 -12.13
N SER A 229 -11.31 -16.72 -11.42
CA SER A 229 -11.51 -17.68 -10.34
C SER A 229 -11.63 -19.13 -10.81
N SER A 230 -12.09 -19.32 -12.05
CA SER A 230 -12.15 -20.68 -12.61
C SER A 230 -10.75 -21.15 -12.93
N ILE A 231 -9.98 -20.25 -13.53
CA ILE A 231 -8.59 -20.51 -13.87
C ILE A 231 -7.77 -20.82 -12.62
N LEU A 232 -7.99 -20.05 -11.56
CA LEU A 232 -7.32 -20.31 -10.30
C LEU A 232 -7.67 -21.69 -9.76
N GLU A 233 -8.90 -22.13 -10.02
CA GLU A 233 -9.34 -23.46 -9.62
C GLU A 233 -8.65 -24.53 -10.46
N LYS A 234 -8.45 -24.22 -11.74
CA LYS A 234 -7.84 -25.15 -12.67
C LYS A 234 -6.35 -25.32 -12.42
N GLY A 235 -5.79 -24.48 -11.56
CA GLY A 235 -4.43 -24.64 -11.10
C GLY A 235 -3.43 -23.65 -11.69
N GLU A 236 -3.88 -22.83 -12.61
CA GLU A 236 -2.99 -21.87 -13.29
C GLU A 236 -2.70 -20.67 -12.40
N ARG A 237 -1.47 -20.16 -12.49
CA ARG A 237 -1.06 -18.96 -11.76
C ARG A 237 -0.30 -18.02 -12.68
N LEU A 238 0.05 -16.84 -12.17
CA LEU A 238 0.88 -15.90 -12.90
C LEU A 238 2.22 -16.53 -13.28
N PRO A 239 2.74 -16.19 -14.46
CA PRO A 239 4.00 -16.77 -14.93
C PRO A 239 5.20 -16.31 -14.12
N GLN A 240 6.31 -17.02 -14.23
CA GLN A 240 7.53 -16.64 -13.53
C GLN A 240 8.20 -15.47 -14.23
N PRO A 241 8.42 -14.37 -13.49
CA PRO A 241 9.12 -13.21 -14.04
C PRO A 241 10.53 -13.59 -14.48
N PRO A 242 11.00 -13.03 -15.60
CA PRO A 242 12.30 -13.33 -16.21
C PRO A 242 13.48 -13.19 -15.24
N ILE A 243 13.47 -12.14 -14.43
CA ILE A 243 14.58 -11.86 -13.53
C ILE A 243 14.56 -12.76 -12.29
N CYS A 244 13.49 -13.52 -12.12
CA CYS A 244 13.29 -14.28 -10.89
C CYS A 244 13.89 -15.66 -10.91
N THR A 245 14.77 -15.93 -9.95
CA THR A 245 15.23 -17.27 -9.69
C THR A 245 14.05 -18.10 -9.22
N ILE A 246 14.19 -19.42 -9.25
CA ILE A 246 13.13 -20.29 -8.79
C ILE A 246 12.85 -20.04 -7.32
N ASP A 247 13.89 -19.65 -6.58
CA ASP A 247 13.77 -19.33 -5.17
C ASP A 247 12.69 -18.28 -4.91
N VAL A 248 12.85 -17.13 -5.57
CA VAL A 248 11.90 -16.04 -5.40
C VAL A 248 10.53 -16.43 -5.91
N TYR A 249 10.48 -17.06 -7.07
CA TYR A 249 9.20 -17.45 -7.67
C TYR A 249 8.52 -18.55 -6.87
N MET A 250 9.31 -19.35 -6.17
CA MET A 250 8.77 -20.38 -5.30
C MET A 250 7.95 -19.73 -4.20
N ILE A 251 8.41 -18.57 -3.75
CA ILE A 251 7.77 -17.85 -2.66
C ILE A 251 6.43 -17.25 -3.10
N MET A 252 6.40 -16.68 -4.30
CA MET A 252 5.16 -16.13 -4.84
C MET A 252 4.09 -17.21 -4.95
N VAL A 253 4.48 -18.36 -5.47
CA VAL A 253 3.57 -19.47 -5.69
C VAL A 253 2.90 -19.91 -4.38
N LYS A 254 3.68 -19.96 -3.30
CA LYS A 254 3.15 -20.39 -2.02
C LYS A 254 2.08 -19.44 -1.50
N CYS A 255 2.18 -18.17 -1.88
CA CYS A 255 1.18 -17.18 -1.49
C CYS A 255 -0.13 -17.40 -2.24
N TRP A 256 -0.05 -18.16 -3.32
CA TRP A 256 -1.21 -18.40 -4.16
C TRP A 256 -1.77 -19.80 -3.97
N MET A 257 -1.48 -20.38 -2.81
CA MET A 257 -2.05 -21.66 -2.42
C MET A 257 -3.53 -21.47 -2.11
N ILE A 258 -4.35 -22.46 -2.46
CA ILE A 258 -5.78 -22.37 -2.18
C ILE A 258 -6.05 -22.52 -0.69
N ASP A 259 -5.40 -23.49 -0.07
CA ASP A 259 -5.46 -23.60 1.39
C ASP A 259 -4.74 -22.41 1.99
N ALA A 260 -5.51 -21.45 2.48
CA ALA A 260 -4.96 -20.20 3.02
C ALA A 260 -4.01 -20.46 4.17
N ASP A 261 -4.22 -21.55 4.90
CA ASP A 261 -3.36 -21.91 6.02
C ASP A 261 -2.02 -22.44 5.55
N SER A 262 -1.95 -22.82 4.27
CA SER A 262 -0.70 -23.31 3.69
C SER A 262 0.16 -22.16 3.19
N ARG A 263 -0.42 -20.97 3.16
CA ARG A 263 0.29 -19.77 2.72
C ARG A 263 1.20 -19.24 3.82
N PRO A 264 2.30 -18.58 3.44
CA PRO A 264 3.25 -18.05 4.41
C PRO A 264 2.68 -16.87 5.20
N LYS A 265 3.02 -16.79 6.48
CA LYS A 265 2.66 -15.61 7.27
C LYS A 265 3.55 -14.47 6.86
N PHE A 266 3.13 -13.24 7.13
CA PHE A 266 3.91 -12.08 6.75
C PHE A 266 5.23 -12.00 7.51
N ARG A 267 5.24 -12.56 8.73
CA ARG A 267 6.46 -12.54 9.53
C ARG A 267 7.53 -13.44 8.93
N GLU A 268 7.10 -14.44 8.18
CA GLU A 268 8.02 -15.38 7.54
C GLU A 268 8.53 -14.82 6.21
N LEU A 269 7.69 -14.05 5.54
CA LEU A 269 8.07 -13.40 4.29
C LEU A 269 9.14 -12.35 4.55
N ILE A 270 9.06 -11.71 5.72
CA ILE A 270 10.10 -10.78 6.15
C ILE A 270 11.44 -11.48 6.22
N ILE A 271 11.45 -12.65 6.85
CA ILE A 271 12.66 -13.43 7.05
C ILE A 271 13.28 -13.87 5.72
N GLU A 272 12.47 -14.47 4.86
CA GLU A 272 12.96 -15.07 3.63
C GLU A 272 13.50 -14.03 2.65
N PHE A 273 12.79 -12.93 2.49
CA PHE A 273 13.22 -11.89 1.56
C PHE A 273 14.44 -11.14 2.08
N SER A 274 14.49 -10.96 3.40
CA SER A 274 15.66 -10.33 4.01
C SER A 274 16.84 -11.29 3.97
N LYS A 275 16.55 -12.59 3.93
CA LYS A 275 17.59 -13.59 3.74
C LYS A 275 18.21 -13.44 2.36
N MET A 276 17.37 -13.16 1.37
CA MET A 276 17.81 -13.01 -0.01
C MET A 276 18.36 -11.62 -0.27
N ALA A 277 17.96 -10.66 0.55
CA ALA A 277 18.36 -9.27 0.37
C ALA A 277 19.85 -9.08 0.66
N ARG A 278 20.44 -10.02 1.38
CA ARG A 278 21.83 -9.92 1.76
C ARG A 278 22.75 -10.41 0.64
N ASP A 279 22.22 -11.25 -0.23
CA ASP A 279 22.93 -11.65 -1.44
C ASP A 279 22.00 -11.49 -2.66
N PRO A 280 21.74 -10.24 -3.06
CA PRO A 280 20.76 -9.92 -4.11
C PRO A 280 21.01 -10.61 -5.45
N GLN A 281 22.26 -10.57 -5.93
CA GLN A 281 22.60 -11.13 -7.23
C GLN A 281 22.24 -12.60 -7.35
N ARG A 282 22.26 -13.31 -6.22
CA ARG A 282 22.02 -14.74 -6.20
C ARG A 282 20.55 -15.09 -6.46
N TYR A 283 19.66 -14.16 -6.15
CA TYR A 283 18.23 -14.46 -6.19
C TYR A 283 17.46 -13.68 -7.25
N LEU A 284 18.08 -12.64 -7.82
CA LEU A 284 17.47 -11.90 -8.91
C LEU A 284 18.49 -11.54 -9.98
N VAL A 285 18.30 -12.09 -11.17
CA VAL A 285 19.21 -11.87 -12.29
C VAL A 285 18.75 -10.72 -13.18
N ILE A 286 19.41 -9.58 -13.03
CA ILE A 286 19.13 -8.39 -13.85
C ILE A 286 20.41 -7.97 -14.56
N GLN A 287 20.32 -7.62 -15.84
CA GLN A 287 21.51 -7.21 -16.56
C GLN A 287 21.92 -5.78 -16.21
N GLY A 288 23.21 -5.58 -15.96
CA GLY A 288 23.71 -4.29 -15.54
C GLY A 288 23.34 -4.01 -14.10
N ASP A 289 23.08 -5.07 -13.34
CA ASP A 289 22.63 -4.96 -11.96
C ASP A 289 23.70 -4.34 -11.06
N GLU A 290 24.95 -4.66 -11.35
CA GLU A 290 26.06 -4.23 -10.49
C GLU A 290 26.48 -2.78 -10.74
N ARG A 291 25.70 -2.05 -11.55
CA ARG A 291 26.09 -0.70 -11.93
C ARG A 291 24.96 0.32 -11.75
N MET A 292 23.85 -0.10 -11.16
CA MET A 292 22.65 0.74 -11.08
C MET A 292 22.54 1.54 -9.79
N HIS A 293 22.05 2.77 -9.91
CA HIS A 293 21.89 3.67 -8.78
C HIS A 293 20.66 4.56 -8.92
N LEU A 294 19.90 4.69 -7.85
CA LEU A 294 18.73 5.57 -7.81
C LEU A 294 18.92 6.61 -6.69
N PRO A 295 18.21 7.75 -6.80
CA PRO A 295 18.38 8.82 -5.80
C PRO A 295 18.04 8.37 -4.38
N ASP A 308 10.96 21.87 -6.33
CA ASP A 308 10.24 21.62 -5.10
C ASP A 308 10.47 22.74 -4.08
N GLU A 309 9.88 23.91 -4.37
CA GLU A 309 9.97 25.08 -3.49
C GLU A 309 11.40 25.55 -3.27
N ASP A 311 13.82 28.64 1.37
CA ASP A 311 12.60 28.15 2.02
C ASP A 311 12.85 26.91 2.85
N MET A 312 13.91 26.19 2.49
CA MET A 312 14.11 24.82 2.96
C MET A 312 15.03 24.72 4.19
N ASP A 313 15.04 25.76 5.03
CA ASP A 313 15.93 25.77 6.18
C ASP A 313 15.31 25.16 7.44
N ASP A 314 14.00 25.30 7.60
CA ASP A 314 13.33 24.78 8.79
C ASP A 314 12.47 23.56 8.51
N VAL A 315 12.70 22.93 7.36
CA VAL A 315 11.89 21.80 6.93
C VAL A 315 12.24 20.51 7.67
N VAL A 316 11.21 19.85 8.22
CA VAL A 316 11.38 18.57 8.89
C VAL A 316 10.42 17.54 8.27
N ASP A 317 10.92 16.34 8.01
CA ASP A 317 10.07 15.27 7.50
C ASP A 317 9.12 14.78 8.59
N ALA A 318 7.94 14.36 8.20
CA ALA A 318 6.89 13.96 9.14
C ALA A 318 7.31 12.79 10.04
N ASP A 319 8.19 11.94 9.52
CA ASP A 319 8.67 10.79 10.30
C ASP A 319 9.56 11.23 11.45
N GLU A 320 10.02 12.48 11.41
CA GLU A 320 10.85 13.02 12.47
C GLU A 320 10.06 13.96 13.39
N TYR A 321 8.83 14.28 12.99
CA TYR A 321 7.98 15.13 13.83
C TYR A 321 7.01 14.29 14.65
N LEU A 322 7.28 14.20 15.95
CA LEU A 322 6.47 13.40 16.85
C LEU A 322 5.66 14.26 17.81
N ILE A 323 4.45 13.82 18.12
CA ILE A 323 3.55 14.58 18.99
C ILE A 323 3.44 13.92 20.37
N THR B 1 -9.55 0.95 -14.32
CA THR B 1 -10.39 0.01 -15.06
C THR B 1 -10.15 -1.42 -14.58
N HIS B 2 -9.86 -1.57 -13.29
CA HIS B 2 -9.58 -2.89 -12.72
C HIS B 2 -10.41 -3.16 -11.48
N PTR B 3 -11.56 -2.50 -11.37
CA PTR B 3 -12.51 -2.77 -10.31
C PTR B 3 -13.77 -3.39 -10.93
O PTR B 3 -14.44 -2.75 -11.72
CB PTR B 3 -12.84 -1.51 -9.51
CG PTR B 3 -11.73 -1.11 -8.56
CD1 PTR B 3 -11.66 -1.65 -7.29
CD2 PTR B 3 -10.75 -0.21 -8.95
CE1 PTR B 3 -10.65 -1.29 -6.42
CE2 PTR B 3 -9.74 0.15 -8.09
CZ PTR B 3 -9.69 -0.39 -6.83
OH PTR B 3 -8.74 -0.07 -6.00
P PTR B 3 -8.23 1.45 -5.83
O1P PTR B 3 -9.41 2.32 -5.66
O2P PTR B 3 -7.44 1.88 -7.09
O3P PTR B 3 -7.32 1.55 -4.60
N PTR B 4 -14.07 -4.63 -10.55
CA PTR B 4 -15.08 -5.38 -11.29
C PTR B 4 -16.33 -5.85 -10.54
O PTR B 4 -16.37 -5.98 -9.32
CB PTR B 4 -14.44 -6.57 -12.01
CG PTR B 4 -13.46 -6.16 -13.08
CD1 PTR B 4 -13.90 -5.48 -14.22
CD2 PTR B 4 -12.11 -6.43 -12.96
CE1 PTR B 4 -13.01 -5.10 -15.20
CE2 PTR B 4 -11.22 -6.04 -13.94
CZ PTR B 4 -11.67 -5.39 -15.06
OH PTR B 4 -10.84 -5.02 -15.98
P PTR B 4 -9.98 -6.12 -16.78
O1P PTR B 4 -9.56 -5.54 -18.07
O2P PTR B 4 -10.86 -7.37 -17.02
O3P PTR B 4 -8.74 -6.51 -15.95
N LEU B 5 -17.34 -6.11 -11.35
CA LEU B 5 -18.64 -6.61 -10.92
C LEU B 5 -18.50 -8.02 -10.34
N LEU B 6 -18.78 -8.18 -9.05
CA LEU B 6 -18.77 -9.51 -8.47
C LEU B 6 -20.19 -10.07 -8.45
N PRO B 7 -20.40 -11.19 -9.16
CA PRO B 7 -21.66 -11.94 -9.28
C PRO B 7 -22.25 -12.40 -7.95
#